data_5F6T
#
_entry.id   5F6T
#
_cell.length_a   77.020
_cell.length_b   77.020
_cell.length_c   29.260
_cell.angle_alpha   90.00
_cell.angle_beta   90.00
_cell.angle_gamma   90.00
#
_symmetry.space_group_name_H-M   'P 43'
#
loop_
_entity.id
_entity.type
_entity.pdbx_description
1 polymer Calexcitin
2 non-polymer 'GADOLINIUM ATOM'
3 non-polymer 'CALCIUM ION'
4 water water
#
_entity_poly.entity_id   1
_entity_poly.type   'polypeptide(L)'
_entity_poly.pdbx_seq_one_letter_code
;MAAHQLSDFQRNKILRVFNTFYDCNHDGVIEWDDFELAIKKICNLHSWPTDGKKHNEARATLKLIWDGLRKYADENEDEQ
VTKEEWLKMWAECVKSVEKGESLPEWLTKYMNFMFDVNDTSGDNIIDKHEYSTVYMSYGIPKSDCDAAFDTLSDGGKTMV
TREIFARLWTEYFVSNDRGAKGNHLFGTLKL
;
_entity_poly.pdbx_strand_id   A
#
loop_
_chem_comp.id
_chem_comp.type
_chem_comp.name
_chem_comp.formula
CA non-polymer 'CALCIUM ION' 'Ca 2'
GD non-polymer 'GADOLINIUM ATOM' Gd
#
# COMPACT_ATOMS: atom_id res chain seq x y z
N GLN A 5 -12.21 16.27 -11.19
CA GLN A 5 -12.63 14.92 -10.83
C GLN A 5 -11.72 14.36 -9.76
N LEU A 6 -10.50 14.86 -9.72
CA LEU A 6 -9.47 14.34 -8.84
C LEU A 6 -8.36 15.35 -8.65
N SER A 7 -8.20 15.87 -7.44
CA SER A 7 -7.22 16.93 -7.21
C SER A 7 -5.81 16.38 -7.44
N ASP A 8 -4.87 17.27 -7.72
CA ASP A 8 -3.51 16.83 -7.93
C ASP A 8 -2.94 16.25 -6.64
N PHE A 9 -3.28 16.84 -5.50
CA PHE A 9 -2.79 16.29 -4.24
C PHE A 9 -3.09 14.80 -4.12
N GLN A 10 -4.26 14.41 -4.62
CA GLN A 10 -4.68 13.02 -4.54
C GLN A 10 -4.01 12.23 -5.65
N ARG A 11 -4.05 12.75 -6.88
CA ARG A 11 -3.34 12.13 -8.00
C ARG A 11 -1.93 11.75 -7.59
N ASN A 12 -1.13 12.76 -7.27
CA ASN A 12 0.25 12.60 -6.87
C ASN A 12 0.44 11.61 -5.72
N LYS A 13 -0.40 11.70 -4.70
CA LYS A 13 -0.39 10.69 -3.66
C LYS A 13 -0.55 9.30 -4.25
N ILE A 14 -1.50 9.21 -5.19
CA ILE A 14 -1.98 7.97 -5.75
C ILE A 14 -1.00 7.35 -6.75
N LEU A 15 -0.17 8.17 -7.39
CA LEU A 15 0.84 7.62 -8.27
C LEU A 15 2.11 7.12 -7.55
N ARG A 16 2.48 7.77 -6.45
CA ARG A 16 3.54 7.25 -5.58
C ARG A 16 3.31 5.77 -5.24
N VAL A 17 2.11 5.42 -4.80
CA VAL A 17 1.79 4.03 -4.52
C VAL A 17 1.93 3.17 -5.79
N PHE A 18 1.87 3.79 -6.96
CA PHE A 18 1.94 3.06 -8.21
C PHE A 18 3.39 2.90 -8.60
N ASN A 19 4.09 4.02 -8.76
CA ASN A 19 5.46 3.98 -9.24
C ASN A 19 6.42 3.45 -8.19
N THR A 20 6.00 3.45 -6.93
CA THR A 20 6.89 3.03 -5.86
C THR A 20 6.50 1.70 -5.21
N PHE A 21 5.27 1.25 -5.38
CA PHE A 21 4.86 0.06 -4.65
C PHE A 21 4.22 -0.99 -5.54
N TYR A 22 3.78 -0.59 -6.72
CA TYR A 22 3.13 -1.53 -7.60
C TYR A 22 3.95 -1.86 -8.84
N ASP A 23 4.42 -0.83 -9.54
CA ASP A 23 5.29 -1.01 -10.70
C ASP A 23 6.69 -1.35 -10.21
N CYS A 24 6.83 -2.55 -9.67
CA CYS A 24 8.07 -2.93 -9.03
C CYS A 24 9.23 -3.16 -10.00
N ASN A 25 8.95 -3.20 -11.31
CA ASN A 25 10.02 -3.33 -12.30
C ASN A 25 10.16 -2.06 -13.12
N HIS A 26 9.30 -1.08 -12.79
CA HIS A 26 9.46 0.30 -13.25
C HIS A 26 9.25 0.47 -14.76
N ASP A 27 8.20 -0.16 -15.27
CA ASP A 27 7.97 -0.19 -16.71
C ASP A 27 6.70 0.52 -17.16
N GLY A 28 6.10 1.32 -16.29
CA GLY A 28 4.91 2.07 -16.65
C GLY A 28 3.60 1.37 -16.36
N VAL A 29 3.61 0.05 -16.36
CA VAL A 29 2.37 -0.70 -16.20
C VAL A 29 2.50 -1.74 -15.11
N ILE A 30 1.45 -1.83 -14.29
CA ILE A 30 1.28 -2.91 -13.33
C ILE A 30 0.84 -4.20 -14.01
N GLU A 31 1.53 -5.29 -13.68
CA GLU A 31 1.16 -6.61 -14.17
C GLU A 31 1.66 -7.62 -13.17
N TRP A 32 1.30 -8.89 -13.34
CA TRP A 32 1.64 -9.85 -12.31
C TRP A 32 3.16 -9.92 -12.14
N ASP A 33 3.89 -9.67 -13.22
CA ASP A 33 5.34 -9.68 -13.13
C ASP A 33 5.84 -8.84 -11.96
N ASP A 34 5.25 -7.66 -11.78
CA ASP A 34 5.60 -6.82 -10.66
C ASP A 34 5.29 -7.45 -9.31
N PHE A 35 4.27 -8.27 -9.25
CA PHE A 35 3.90 -8.88 -7.97
C PHE A 35 4.88 -9.95 -7.55
N GLU A 36 5.55 -10.56 -8.52
CA GLU A 36 6.55 -11.58 -8.23
C GLU A 36 7.81 -10.95 -7.66
N LEU A 37 8.26 -9.86 -8.26
CA LEU A 37 9.41 -9.14 -7.75
C LEU A 37 9.15 -8.75 -6.29
N ALA A 38 7.92 -8.29 -6.01
CA ALA A 38 7.53 -7.90 -4.65
C ALA A 38 7.53 -9.08 -3.69
N ILE A 39 6.90 -10.17 -4.10
CA ILE A 39 6.95 -11.43 -3.33
C ILE A 39 8.38 -11.84 -2.97
N LYS A 40 9.26 -11.84 -3.97
CA LYS A 40 10.67 -12.14 -3.76
C LYS A 40 11.24 -11.22 -2.68
N LYS A 41 10.99 -9.93 -2.85
CA LYS A 41 11.46 -8.88 -1.96
C LYS A 41 11.13 -9.09 -0.49
N ILE A 42 9.86 -9.26 -0.19
CA ILE A 42 9.40 -9.42 1.19
C ILE A 42 9.83 -10.78 1.76
N CYS A 43 9.81 -11.80 0.92
CA CYS A 43 10.31 -13.13 1.27
C CYS A 43 11.71 -13.02 1.87
N ASN A 44 12.57 -12.30 1.17
CA ASN A 44 13.97 -12.16 1.56
C ASN A 44 14.12 -11.35 2.83
N LEU A 45 13.76 -10.07 2.73
CA LEU A 45 13.79 -9.14 3.85
C LEU A 45 13.40 -9.76 5.21
N HIS A 46 12.23 -10.41 5.24
CA HIS A 46 11.73 -11.10 6.43
C HIS A 46 12.19 -12.55 6.56
N SER A 47 13.19 -12.95 5.75
CA SER A 47 13.79 -14.29 5.79
C SER A 47 12.80 -15.44 5.96
N TRP A 48 11.84 -15.55 5.04
CA TRP A 48 10.87 -16.64 5.08
C TRP A 48 11.38 -17.86 4.37
N PRO A 49 11.10 -19.04 4.95
CA PRO A 49 11.39 -20.31 4.28
C PRO A 49 10.64 -20.42 2.92
N THR A 50 11.39 -20.44 1.82
CA THR A 50 10.90 -20.17 0.46
C THR A 50 9.54 -20.76 0.04
N ASP A 51 9.16 -21.93 0.54
CA ASP A 51 7.82 -22.40 0.18
C ASP A 51 6.99 -22.80 1.40
N GLY A 52 7.35 -22.23 2.55
CA GLY A 52 6.61 -22.44 3.79
C GLY A 52 5.36 -21.59 3.95
N LYS A 53 5.09 -21.18 5.18
CA LYS A 53 3.77 -20.65 5.48
C LYS A 53 3.58 -19.20 5.03
N LYS A 54 4.41 -18.30 5.53
CA LYS A 54 4.27 -16.90 5.19
C LYS A 54 4.39 -16.66 3.69
N HIS A 55 5.45 -17.19 3.09
CA HIS A 55 5.70 -17.03 1.66
C HIS A 55 4.50 -17.41 0.82
N ASN A 56 3.88 -18.53 1.17
CA ASN A 56 2.68 -19.00 0.47
C ASN A 56 1.44 -18.18 0.78
N GLU A 57 1.34 -17.65 1.99
CA GLU A 57 0.27 -16.70 2.31
C GLU A 57 0.46 -15.45 1.45
N ALA A 58 1.68 -14.94 1.43
CA ALA A 58 1.96 -13.74 0.66
C ALA A 58 1.63 -13.92 -0.84
N ARG A 59 1.92 -15.11 -1.38
N ARG A 59 1.89 -15.10 -1.37
CA ARG A 59 1.71 -15.37 -2.80
CA ARG A 59 1.70 -15.33 -2.79
C ARG A 59 0.22 -15.50 -3.13
C ARG A 59 0.22 -15.52 -3.14
N ALA A 60 -0.51 -16.26 -2.33
CA ALA A 60 -1.93 -16.48 -2.60
C ALA A 60 -2.76 -15.25 -2.23
N THR A 61 -2.17 -14.36 -1.42
CA THR A 61 -2.82 -13.12 -1.09
C THR A 61 -2.62 -12.11 -2.21
N LEU A 62 -1.44 -12.14 -2.84
CA LEU A 62 -1.18 -11.21 -3.93
C LEU A 62 -1.80 -11.70 -5.23
N LYS A 63 -2.29 -12.94 -5.25
CA LYS A 63 -2.95 -13.41 -6.44
C LYS A 63 -4.33 -12.80 -6.45
N LEU A 64 -4.88 -12.63 -5.26
CA LEU A 64 -6.19 -12.03 -5.10
C LEU A 64 -6.11 -10.54 -5.40
N ILE A 65 -5.02 -9.92 -4.97
CA ILE A 65 -4.94 -8.49 -5.13
C ILE A 65 -4.81 -8.13 -6.58
N TRP A 66 -3.94 -8.85 -7.28
CA TRP A 66 -3.83 -8.73 -8.73
C TRP A 66 -5.21 -8.95 -9.34
N ASP A 67 -5.83 -10.06 -8.99
CA ASP A 67 -7.12 -10.39 -9.58
C ASP A 67 -8.14 -9.30 -9.27
N GLY A 68 -8.05 -8.71 -8.08
CA GLY A 68 -8.94 -7.60 -7.77
C GLY A 68 -8.62 -6.40 -8.65
N LEU A 69 -7.37 -5.97 -8.60
CA LEU A 69 -6.89 -4.85 -9.43
C LEU A 69 -7.24 -5.08 -10.89
N ARG A 70 -6.89 -6.26 -11.39
CA ARG A 70 -7.24 -6.72 -12.73
C ARG A 70 -8.67 -6.37 -13.07
N LYS A 71 -9.59 -6.86 -12.25
CA LYS A 71 -11.02 -6.73 -12.46
C LYS A 71 -11.58 -5.33 -12.26
N TYR A 72 -10.91 -4.48 -11.49
CA TYR A 72 -11.45 -3.15 -11.21
C TYR A 72 -10.69 -2.00 -11.90
N ALA A 73 -9.74 -2.29 -12.80
CA ALA A 73 -9.01 -1.22 -13.48
C ALA A 73 -8.65 -1.55 -14.92
N ASP A 74 -8.39 -2.83 -15.17
CA ASP A 74 -7.99 -3.23 -16.50
C ASP A 74 -9.18 -3.11 -17.44
N GLU A 75 -9.31 -1.93 -18.07
CA GLU A 75 -10.43 -1.64 -18.95
C GLU A 75 -10.43 -2.53 -20.18
N ASN A 76 -9.26 -2.77 -20.75
CA ASN A 76 -9.19 -3.47 -22.03
C ASN A 76 -8.84 -4.95 -21.86
N GLU A 77 -8.83 -5.39 -20.59
CA GLU A 77 -8.55 -6.78 -20.26
C GLU A 77 -7.30 -7.25 -20.99
N ASP A 78 -6.19 -6.52 -20.79
CA ASP A 78 -4.93 -6.88 -21.44
C ASP A 78 -3.91 -7.39 -20.43
N GLU A 79 -4.38 -7.66 -19.22
CA GLU A 79 -3.57 -8.19 -18.13
C GLU A 79 -2.45 -7.21 -17.71
N GLN A 80 -2.54 -5.97 -18.18
CA GLN A 80 -1.68 -4.94 -17.64
C GLN A 80 -2.45 -3.63 -17.41
N VAL A 81 -2.08 -2.98 -16.32
CA VAL A 81 -2.76 -1.77 -15.85
C VAL A 81 -1.89 -0.53 -15.98
N THR A 82 -2.33 0.40 -16.79
CA THR A 82 -1.60 1.64 -17.00
C THR A 82 -1.99 2.68 -15.97
N LYS A 83 -1.20 3.75 -15.83
CA LYS A 83 -1.52 4.80 -14.86
C LYS A 83 -2.90 5.38 -15.13
N GLU A 84 -3.26 5.53 -16.39
CA GLU A 84 -4.57 6.05 -16.77
C GLU A 84 -5.67 5.20 -16.15
N GLU A 85 -5.60 3.90 -16.38
CA GLU A 85 -6.58 2.97 -15.83
C GLU A 85 -6.54 2.98 -14.30
N TRP A 86 -5.37 3.30 -13.76
CA TRP A 86 -5.12 3.34 -12.32
C TRP A 86 -5.74 4.55 -11.65
N LEU A 87 -5.62 5.71 -12.29
CA LEU A 87 -6.27 6.93 -11.83
C LEU A 87 -7.78 6.85 -12.06
N LYS A 88 -8.15 6.47 -13.27
CA LYS A 88 -9.55 6.30 -13.66
C LYS A 88 -10.34 5.51 -12.62
N MET A 89 -9.73 4.46 -12.08
CA MET A 89 -10.34 3.66 -11.01
C MET A 89 -10.38 4.40 -9.69
N TRP A 90 -9.22 4.82 -9.22
CA TRP A 90 -9.09 5.46 -7.92
C TRP A 90 -10.07 6.62 -7.72
N ALA A 91 -10.44 7.31 -8.80
CA ALA A 91 -11.47 8.33 -8.71
C ALA A 91 -12.78 7.72 -8.21
N GLU A 92 -13.11 6.52 -8.68
CA GLU A 92 -14.39 5.90 -8.30
C GLU A 92 -14.39 5.61 -6.82
N CYS A 93 -13.23 5.17 -6.37
CA CYS A 93 -13.00 4.80 -4.99
C CYS A 93 -13.14 6.00 -4.04
N VAL A 94 -12.65 7.16 -4.50
CA VAL A 94 -12.73 8.37 -3.71
C VAL A 94 -14.21 8.77 -3.55
N LYS A 95 -14.93 8.85 -4.67
CA LYS A 95 -16.37 9.06 -4.64
C LYS A 95 -16.94 8.09 -3.63
N SER A 96 -16.73 6.81 -3.91
CA SER A 96 -17.18 5.70 -3.08
C SER A 96 -17.02 5.95 -1.58
N VAL A 97 -15.80 6.18 -1.12
CA VAL A 97 -15.54 6.45 0.30
C VAL A 97 -16.26 7.69 0.77
N GLU A 98 -16.21 8.75 -0.04
CA GLU A 98 -16.87 9.99 0.31
C GLU A 98 -18.37 9.79 0.33
N LYS A 99 -18.90 9.18 -0.73
CA LYS A 99 -20.33 8.91 -0.85
C LYS A 99 -20.79 7.70 -0.02
N GLY A 100 -20.01 7.31 0.98
CA GLY A 100 -20.33 6.16 1.80
C GLY A 100 -19.91 4.80 1.26
N GLU A 101 -20.29 4.49 0.02
CA GLU A 101 -20.07 3.18 -0.61
C GLU A 101 -18.68 2.64 -0.33
N SER A 102 -18.59 1.63 0.53
CA SER A 102 -17.29 1.12 0.94
C SER A 102 -16.51 0.47 -0.22
N LEU A 103 -15.25 0.19 0.06
CA LEU A 103 -14.31 -0.34 -0.90
C LEU A 103 -14.54 -1.82 -1.19
N PRO A 104 -14.24 -2.27 -2.42
CA PRO A 104 -14.23 -3.70 -2.80
C PRO A 104 -13.26 -4.55 -1.99
N GLU A 105 -13.55 -5.85 -1.87
CA GLU A 105 -12.76 -6.75 -1.03
C GLU A 105 -11.24 -6.66 -1.18
N TRP A 106 -10.77 -6.50 -2.41
CA TRP A 106 -9.35 -6.64 -2.68
C TRP A 106 -8.53 -5.49 -2.14
N LEU A 107 -9.24 -4.39 -1.86
CA LEU A 107 -8.66 -3.21 -1.25
C LEU A 107 -8.33 -3.48 0.21
N THR A 108 -9.27 -4.08 0.91
CA THR A 108 -9.09 -4.46 2.30
C THR A 108 -8.05 -5.57 2.43
N LYS A 109 -7.83 -6.32 1.34
CA LYS A 109 -6.76 -7.31 1.34
C LYS A 109 -5.39 -6.64 1.20
N TYR A 110 -5.28 -5.72 0.25
CA TYR A 110 -4.06 -4.95 0.09
C TYR A 110 -3.74 -4.16 1.34
N MET A 111 -4.74 -3.46 1.86
CA MET A 111 -4.54 -2.62 3.02
C MET A 111 -3.96 -3.47 4.14
N ASN A 112 -4.63 -4.58 4.46
CA ASN A 112 -4.19 -5.44 5.56
C ASN A 112 -2.93 -6.25 5.26
N PHE A 113 -2.65 -6.50 3.99
CA PHE A 113 -1.40 -7.10 3.58
C PHE A 113 -0.21 -6.20 3.93
N MET A 114 -0.37 -4.91 3.70
CA MET A 114 0.68 -3.96 3.96
C MET A 114 0.93 -3.92 5.46
N PHE A 115 -0.14 -4.00 6.23
CA PHE A 115 -0.03 -4.02 7.68
C PHE A 115 0.72 -5.25 8.09
N ASP A 116 0.28 -6.41 7.61
CA ASP A 116 0.92 -7.67 8.02
C ASP A 116 2.40 -7.74 7.58
N VAL A 117 2.72 -7.11 6.46
CA VAL A 117 4.09 -7.04 6.02
C VAL A 117 4.94 -6.33 7.08
N ASN A 118 4.41 -5.20 7.59
CA ASN A 118 5.07 -4.41 8.63
C ASN A 118 5.15 -5.13 9.96
N ASP A 119 4.04 -5.70 10.39
CA ASP A 119 3.92 -6.26 11.72
C ASP A 119 4.48 -7.68 11.79
N THR A 120 5.78 -7.80 11.57
CA THR A 120 6.44 -9.08 11.67
C THR A 120 6.29 -9.63 13.08
N SER A 121 6.37 -8.73 14.05
CA SER A 121 6.43 -9.12 15.46
C SER A 121 5.22 -9.97 15.79
N GLY A 122 4.08 -9.64 15.21
CA GLY A 122 2.87 -10.39 15.47
C GLY A 122 1.92 -9.80 16.48
N ASP A 123 2.32 -8.71 17.14
CA ASP A 123 1.53 -8.12 18.25
C ASP A 123 0.41 -7.17 17.81
N ASN A 124 0.15 -7.11 16.51
CA ASN A 124 -0.89 -6.24 15.93
C ASN A 124 -0.63 -4.76 16.18
N ILE A 125 0.64 -4.40 16.35
CA ILE A 125 1.04 -3.00 16.41
C ILE A 125 2.26 -2.83 15.51
N ILE A 126 2.44 -1.65 14.95
CA ILE A 126 3.66 -1.38 14.21
C ILE A 126 4.56 -0.41 14.98
N ASP A 127 5.55 -0.97 15.69
CA ASP A 127 6.56 -0.14 16.34
C ASP A 127 7.49 0.44 15.25
N LYS A 128 8.33 1.37 15.64
CA LYS A 128 9.10 2.16 14.69
C LYS A 128 10.02 1.30 13.89
N HIS A 129 10.56 0.28 14.55
CA HIS A 129 11.52 -0.62 13.93
C HIS A 129 10.89 -1.35 12.74
N GLU A 130 9.64 -1.76 12.89
CA GLU A 130 8.93 -2.44 11.83
C GLU A 130 8.67 -1.53 10.63
N TYR A 131 8.32 -0.26 10.89
CA TYR A 131 8.00 0.70 9.83
C TYR A 131 9.21 1.07 8.96
N SER A 132 10.35 1.30 9.62
CA SER A 132 11.57 1.68 8.92
C SER A 132 12.13 0.53 8.08
N THR A 133 11.99 -0.70 8.60
CA THR A 133 12.44 -1.91 7.93
C THR A 133 11.79 -2.10 6.57
N VAL A 134 10.46 -2.02 6.56
CA VAL A 134 9.72 -2.17 5.33
C VAL A 134 10.01 -1.04 4.39
N TYR A 135 9.65 0.18 4.79
CA TYR A 135 9.67 1.28 3.86
C TYR A 135 11.07 1.76 3.45
N MET A 136 12.09 1.47 4.26
CA MET A 136 13.44 1.73 3.78
C MET A 136 13.72 0.80 2.59
N SER A 137 13.33 -0.46 2.74
CA SER A 137 13.57 -1.46 1.70
C SER A 137 12.96 -1.05 0.38
N TYR A 138 11.91 -0.25 0.44
CA TYR A 138 11.22 0.21 -0.75
C TYR A 138 11.95 1.40 -1.36
N GLY A 139 13.03 1.82 -0.71
CA GLY A 139 13.87 2.88 -1.25
C GLY A 139 13.47 4.28 -0.81
N ILE A 140 12.77 4.36 0.32
CA ILE A 140 12.54 5.60 1.05
C ILE A 140 13.65 5.78 2.08
N PRO A 141 14.33 6.94 2.08
CA PRO A 141 15.45 7.07 3.00
C PRO A 141 15.02 7.11 4.48
N LYS A 142 15.96 6.79 5.35
CA LYS A 142 15.70 6.63 6.78
C LYS A 142 15.34 7.96 7.46
N SER A 143 15.69 9.08 6.83
CA SER A 143 15.30 10.38 7.34
C SER A 143 13.85 10.68 7.00
N ASP A 144 13.12 9.64 6.61
CA ASP A 144 11.69 9.79 6.33
C ASP A 144 10.89 8.74 7.08
N CYS A 145 11.29 7.47 6.96
CA CYS A 145 10.70 6.39 7.77
C CYS A 145 10.65 6.76 9.24
N ASP A 146 11.57 7.63 9.66
CA ASP A 146 11.63 8.14 11.01
C ASP A 146 10.85 9.45 11.09
N ALA A 147 11.02 10.28 10.07
CA ALA A 147 10.29 11.54 9.99
C ALA A 147 8.79 11.25 10.01
N ALA A 148 8.34 10.53 8.98
CA ALA A 148 6.94 10.25 8.79
C ALA A 148 6.32 9.47 9.94
N PHE A 149 7.04 8.50 10.50
CA PHE A 149 6.43 7.64 11.51
C PHE A 149 6.07 8.42 12.77
N ASP A 150 6.73 9.55 12.99
CA ASP A 150 6.38 10.39 14.11
C ASP A 150 5.11 11.17 13.81
N THR A 151 4.90 11.50 12.54
CA THR A 151 3.65 12.11 12.14
C THR A 151 2.54 11.08 12.27
N LEU A 152 2.88 9.81 12.03
CA LEU A 152 1.90 8.75 12.05
C LEU A 152 1.61 8.24 13.45
N SER A 153 2.55 8.44 14.37
CA SER A 153 2.41 7.86 15.70
C SER A 153 2.18 8.91 16.76
N ASP A 154 2.14 10.16 16.32
CA ASP A 154 2.16 11.32 17.21
C ASP A 154 3.18 11.13 18.33
N GLY A 155 4.45 11.25 17.99
CA GLY A 155 5.51 11.16 18.97
C GLY A 155 5.71 9.79 19.60
N GLY A 156 4.74 8.90 19.43
CA GLY A 156 4.84 7.57 20.00
C GLY A 156 3.85 7.35 21.13
N LYS A 157 3.05 8.37 21.43
CA LYS A 157 2.05 8.24 22.48
C LYS A 157 0.87 7.42 21.98
N THR A 158 0.72 7.35 20.65
CA THR A 158 -0.35 6.56 20.05
C THR A 158 0.21 5.24 19.53
N MET A 159 -0.36 4.13 19.96
CA MET A 159 0.02 2.86 19.39
C MET A 159 -0.65 2.72 18.02
N VAL A 160 0.06 2.13 17.06
CA VAL A 160 -0.44 2.04 15.69
C VAL A 160 -1.01 0.66 15.39
N THR A 161 -2.19 0.42 15.96
CA THR A 161 -2.90 -0.84 15.78
C THR A 161 -3.45 -0.99 14.37
N ARG A 162 -4.16 -2.08 14.12
CA ARG A 162 -4.71 -2.30 12.78
C ARG A 162 -5.74 -1.23 12.41
N GLU A 163 -6.60 -0.88 13.36
CA GLU A 163 -7.57 0.17 13.11
C GLU A 163 -6.91 1.50 12.76
N ILE A 164 -5.96 1.91 13.58
CA ILE A 164 -5.27 3.17 13.35
C ILE A 164 -4.71 3.24 11.94
N PHE A 165 -4.11 2.14 11.50
CA PHE A 165 -3.49 2.03 10.19
C PHE A 165 -4.53 2.13 9.07
N ALA A 166 -5.72 1.57 9.32
CA ALA A 166 -6.85 1.73 8.40
C ALA A 166 -7.23 3.22 8.20
N ARG A 167 -7.49 3.91 9.31
CA ARG A 167 -7.80 5.35 9.23
C ARG A 167 -6.73 6.10 8.42
N LEU A 168 -5.47 5.93 8.80
CA LEU A 168 -4.34 6.55 8.10
C LEU A 168 -4.31 6.17 6.64
N TRP A 169 -4.42 4.89 6.39
CA TRP A 169 -4.54 4.37 5.03
C TRP A 169 -5.60 5.12 4.20
N THR A 170 -6.80 5.19 4.75
CA THR A 170 -7.91 5.86 4.06
C THR A 170 -7.60 7.31 3.72
N GLU A 171 -7.09 8.04 4.71
CA GLU A 171 -6.77 9.44 4.55
C GLU A 171 -5.72 9.59 3.46
N TYR A 172 -4.82 8.62 3.37
CA TYR A 172 -3.76 8.71 2.36
C TYR A 172 -4.36 8.72 0.99
N PHE A 173 -5.27 7.79 0.73
CA PHE A 173 -5.79 7.64 -0.62
C PHE A 173 -6.87 8.65 -0.99
N VAL A 174 -7.70 9.08 -0.02
CA VAL A 174 -8.87 9.92 -0.36
C VAL A 174 -8.99 11.31 0.30
N SER A 175 -8.20 11.58 1.32
CA SER A 175 -8.28 12.89 1.97
C SER A 175 -7.64 13.96 1.10
N ASN A 176 -8.37 15.03 0.84
CA ASN A 176 -7.82 16.15 0.08
C ASN A 176 -7.24 17.19 1.01
N ASP A 177 -7.40 16.93 2.31
CA ASP A 177 -6.93 17.85 3.33
C ASP A 177 -5.44 17.71 3.43
N ARG A 178 -4.73 18.64 2.84
CA ARG A 178 -3.28 18.56 2.73
C ARG A 178 -2.57 18.66 4.08
N GLY A 179 -3.35 18.71 5.17
CA GLY A 179 -2.82 18.66 6.52
C GLY A 179 -3.07 17.34 7.25
N ALA A 180 -3.76 16.39 6.60
CA ALA A 180 -4.13 15.11 7.22
C ALA A 180 -2.91 14.23 7.53
N LYS A 181 -2.89 13.71 8.75
CA LYS A 181 -1.75 12.97 9.30
C LYS A 181 -1.40 11.69 8.53
N GLY A 182 -2.39 11.11 7.85
CA GLY A 182 -2.17 9.91 7.07
C GLY A 182 -1.49 10.14 5.74
N ASN A 183 -1.39 11.40 5.32
CA ASN A 183 -0.72 11.72 4.07
C ASN A 183 0.78 11.42 4.09
N HIS A 184 1.28 10.99 5.24
CA HIS A 184 2.69 10.72 5.44
C HIS A 184 2.94 9.21 5.58
N LEU A 185 1.90 8.40 5.40
CA LEU A 185 1.92 6.95 5.60
C LEU A 185 2.92 6.19 4.72
N PHE A 186 3.07 6.64 3.49
CA PHE A 186 4.10 6.14 2.61
C PHE A 186 5.30 7.10 2.52
N GLY A 187 5.66 7.74 3.64
CA GLY A 187 6.70 8.76 3.61
C GLY A 187 6.20 10.19 3.42
N THR A 188 7.12 11.11 3.19
CA THR A 188 6.79 12.54 3.18
C THR A 188 6.69 13.15 1.78
N LEU A 189 5.60 13.87 1.52
CA LEU A 189 5.39 14.53 0.23
C LEU A 189 6.05 15.90 0.17
GD GD B . 5.47 -3.31 -14.02
CA CA C . -5.08 -2.24 -19.51
CA CA D . 4.64 -5.15 15.81
#